data_9H7X
#
_entry.id   9H7X
#
_cell.length_a   84.777
_cell.length_b   84.777
_cell.length_c   61.232
_cell.angle_alpha   90
_cell.angle_beta   90
_cell.angle_gamma   120
#
_symmetry.space_group_name_H-M   'P 31'
#
loop_
_entity.id
_entity.type
_entity.pdbx_description
1 polymer 'Uncharacterized ABC transporter ATP-binding protein MJ0035'
2 non-polymer 'AMP PHOSPHORAMIDATE'
3 non-polymer 'ZINC ION'
4 water water
#
_entity_poly.entity_id   1
_entity_poly.type   'polypeptide(L)'
_entity_poly.pdbx_seq_one_letter_code
;GEFMVSIMLLKVEDLHVYRGNREILKGVNLTVEENEIHAIIGPNGAGKSTLAYTIMGISGYKPTKGRIIFKGVDIIDKNI
TERARMGMTLAWQEPARFEGIKVKNYLMLGMNEKYKKDKEIAEEKIREALKLVNLDPDKYLDRYVDETLSGGERKRIELA
SIICMEPDLAILDEPDSGIDIVSFDEIKRVFDYLKDKGCSLLVITHREELAEHADRVSLICAGEVIKSGDPKEVGEFYKK
ECGKCYKKVPDGK
;
_entity_poly.pdbx_strand_id   A,C
#
# COMPACT_ATOMS: atom_id res chain seq x y z
N GLU A 2 23.80 7.79 -36.45
CA GLU A 2 24.10 7.23 -37.77
C GLU A 2 24.17 5.68 -37.79
N PHE A 3 23.72 5.03 -36.71
CA PHE A 3 23.66 3.57 -36.67
C PHE A 3 22.18 3.20 -36.71
N MET A 4 21.76 2.64 -37.84
CA MET A 4 20.35 2.33 -38.12
C MET A 4 19.79 1.14 -37.34
N VAL A 5 20.64 0.37 -36.63
CA VAL A 5 20.16 -0.75 -35.86
C VAL A 5 19.39 -0.27 -34.63
N SER A 6 18.09 -0.56 -34.62
CA SER A 6 17.18 -0.10 -33.59
C SER A 6 16.68 -1.32 -32.82
N ILE A 7 16.78 -1.28 -31.48
CA ILE A 7 16.34 -2.41 -30.65
C ILE A 7 15.34 -1.95 -29.60
N MET A 8 14.17 -2.61 -29.54
CA MET A 8 13.15 -2.27 -28.55
C MET A 8 13.58 -2.79 -27.18
N LEU A 9 13.53 -1.96 -26.12
CA LEU A 9 13.92 -2.43 -24.78
C LEU A 9 13.03 -3.60 -24.32
N LEU A 10 11.70 -3.44 -24.34
CA LEU A 10 10.82 -4.52 -23.93
C LEU A 10 9.66 -4.61 -24.91
N LYS A 11 9.29 -5.82 -25.31
CA LYS A 11 8.19 -6.04 -26.22
C LYS A 11 7.34 -7.26 -25.77
N VAL A 12 6.12 -7.00 -25.29
CA VAL A 12 5.20 -8.05 -24.87
C VAL A 12 4.25 -8.25 -26.03
N GLU A 13 4.32 -9.43 -26.70
CA GLU A 13 3.52 -9.76 -27.87
C GLU A 13 2.43 -10.78 -27.54
N ASP A 14 1.14 -10.40 -27.75
CA ASP A 14 -0.09 -11.17 -27.49
C ASP A 14 0.04 -12.15 -26.32
N LEU A 15 0.39 -11.63 -25.15
CA LEU A 15 0.63 -12.45 -23.97
C LEU A 15 -0.62 -12.97 -23.29
N HIS A 16 -0.77 -14.29 -23.24
CA HIS A 16 -1.88 -14.92 -22.53
C HIS A 16 -1.31 -15.62 -21.30
N VAL A 17 -1.75 -15.23 -20.09
CA VAL A 17 -1.26 -15.82 -18.85
C VAL A 17 -2.41 -16.37 -18.01
N TYR A 18 -2.31 -17.65 -17.62
CA TYR A 18 -3.32 -18.34 -16.80
C TYR A 18 -2.81 -18.50 -15.39
N ARG A 19 -3.56 -18.01 -14.41
CA ARG A 19 -3.19 -18.18 -13.02
C ARG A 19 -4.21 -19.07 -12.34
N GLY A 20 -3.76 -20.21 -11.86
CA GLY A 20 -4.61 -21.19 -11.22
C GLY A 20 -5.59 -21.79 -12.21
N ASN A 21 -6.80 -21.26 -12.24
CA ASN A 21 -7.84 -21.72 -13.14
C ASN A 21 -8.20 -20.63 -14.16
N ARG A 22 -8.32 -19.38 -13.67
CA ARG A 22 -8.70 -18.20 -14.44
C ARG A 22 -7.63 -17.75 -15.45
N GLU A 23 -8.06 -17.13 -16.55
CA GLU A 23 -7.18 -16.55 -17.57
C GLU A 23 -7.06 -15.10 -17.19
N ILE A 24 -5.90 -14.69 -16.67
CA ILE A 24 -5.72 -13.32 -16.21
C ILE A 24 -5.34 -12.39 -17.37
N LEU A 25 -4.29 -12.70 -18.14
CA LEU A 25 -3.92 -11.87 -19.28
C LEU A 25 -4.47 -12.49 -20.55
N LYS A 26 -5.19 -11.71 -21.34
CA LYS A 26 -5.82 -12.20 -22.56
C LYS A 26 -5.26 -11.43 -23.77
N GLY A 27 -4.02 -11.70 -24.12
CA GLY A 27 -3.38 -11.06 -25.26
C GLY A 27 -2.94 -9.64 -24.99
N VAL A 28 -1.86 -9.47 -24.23
CA VAL A 28 -1.34 -8.15 -23.92
C VAL A 28 -0.29 -7.74 -24.93
N ASN A 29 -0.44 -6.55 -25.50
CA ASN A 29 0.52 -5.99 -26.44
C ASN A 29 1.02 -4.71 -25.79
N LEU A 30 2.28 -4.73 -25.35
CA LEU A 30 2.85 -3.62 -24.60
C LEU A 30 4.31 -3.49 -24.98
N THR A 31 4.81 -2.27 -25.09
CA THR A 31 6.23 -2.06 -25.39
C THR A 31 6.82 -1.00 -24.46
N VAL A 32 8.10 -1.14 -24.11
CA VAL A 32 8.77 -0.13 -23.32
C VAL A 32 9.97 0.31 -24.13
N GLU A 33 10.10 1.61 -24.38
CA GLU A 33 11.22 2.15 -25.16
C GLU A 33 12.40 2.49 -24.26
N GLU A 34 13.59 2.61 -24.86
CA GLU A 34 14.78 3.00 -24.10
C GLU A 34 14.59 4.44 -23.59
N ASN A 35 14.91 4.66 -22.31
CA ASN A 35 14.81 5.95 -21.63
C ASN A 35 13.40 6.53 -21.59
N GLU A 36 12.42 5.66 -21.33
CA GLU A 36 11.03 6.06 -21.29
C GLU A 36 10.40 5.65 -19.95
N ILE A 37 9.43 6.44 -19.47
CA ILE A 37 8.64 6.13 -18.29
C ILE A 37 7.26 5.77 -18.84
N HIS A 38 6.90 4.50 -18.72
CA HIS A 38 5.63 4.00 -19.22
C HIS A 38 4.79 3.57 -18.03
N ALA A 39 3.73 4.32 -17.70
CA ALA A 39 2.85 3.96 -16.59
C ALA A 39 1.76 2.99 -17.00
N ILE A 40 1.36 2.08 -16.11
CA ILE A 40 0.28 1.15 -16.38
C ILE A 40 -0.81 1.43 -15.32
N ILE A 41 -2.00 1.77 -15.78
CA ILE A 41 -3.14 2.06 -14.91
C ILE A 41 -4.26 1.03 -15.17
N GLY A 42 -5.25 1.00 -14.27
CA GLY A 42 -6.36 0.05 -14.42
C GLY A 42 -6.93 -0.41 -13.11
N PRO A 43 -8.12 -1.01 -13.19
CA PRO A 43 -8.80 -1.45 -11.95
C PRO A 43 -8.17 -2.66 -11.27
N ASN A 44 -8.64 -3.00 -10.06
CA ASN A 44 -8.14 -4.17 -9.35
C ASN A 44 -8.54 -5.43 -10.09
N GLY A 45 -7.64 -6.39 -10.16
CA GLY A 45 -7.93 -7.64 -10.84
C GLY A 45 -7.78 -7.63 -12.34
N ALA A 46 -7.37 -6.47 -12.91
CA ALA A 46 -7.16 -6.35 -14.34
C ALA A 46 -5.90 -7.10 -14.87
N GLY A 47 -4.99 -7.44 -13.98
CA GLY A 47 -3.81 -8.21 -14.35
C GLY A 47 -2.51 -7.43 -14.44
N LYS A 48 -2.49 -6.19 -13.94
CA LYS A 48 -1.30 -5.34 -13.98
C LYS A 48 -0.11 -5.96 -13.24
N SER A 49 -0.30 -6.42 -11.99
CA SER A 49 0.76 -7.07 -11.22
C SER A 49 1.18 -8.35 -11.89
N THR A 50 0.21 -9.12 -12.42
CA THR A 50 0.52 -10.37 -13.11
C THR A 50 1.42 -10.11 -14.33
N LEU A 51 1.19 -9.00 -15.03
CA LEU A 51 2.02 -8.61 -16.16
C LEU A 51 3.44 -8.35 -15.70
N ALA A 52 3.63 -7.63 -14.60
CA ALA A 52 4.95 -7.34 -14.05
C ALA A 52 5.66 -8.62 -13.62
N TYR A 53 4.94 -9.55 -13.00
CA TYR A 53 5.52 -10.81 -12.54
C TYR A 53 5.93 -11.71 -13.70
N THR A 54 5.17 -11.67 -14.79
CA THR A 54 5.46 -12.47 -15.98
C THR A 54 6.69 -11.92 -16.67
N ILE A 55 6.84 -10.58 -16.73
CA ILE A 55 8.03 -9.97 -17.33
C ILE A 55 9.28 -10.35 -16.51
N MET A 56 9.16 -10.27 -15.16
CA MET A 56 10.30 -10.62 -14.30
C MET A 56 10.63 -12.13 -14.27
N GLY A 57 9.69 -12.96 -14.69
CA GLY A 57 9.90 -14.40 -14.72
C GLY A 57 9.77 -15.02 -13.35
N ILE A 58 8.84 -14.49 -12.54
CA ILE A 58 8.53 -14.99 -11.20
C ILE A 58 8.02 -16.42 -11.34
N SER A 59 8.44 -17.32 -10.44
CA SER A 59 8.03 -18.72 -10.45
C SER A 59 6.50 -18.90 -10.46
N GLY A 60 6.00 -19.56 -11.51
CA GLY A 60 4.57 -19.80 -11.70
C GLY A 60 3.93 -18.90 -12.75
N TYR A 61 4.61 -17.80 -13.12
CA TYR A 61 4.07 -16.86 -14.09
C TYR A 61 4.60 -17.12 -15.49
N LYS A 62 4.24 -18.26 -16.08
CA LYS A 62 4.67 -18.60 -17.43
C LYS A 62 3.53 -18.37 -18.43
N PRO A 63 3.83 -17.80 -19.61
CA PRO A 63 2.76 -17.56 -20.58
C PRO A 63 2.34 -18.82 -21.35
N THR A 64 1.03 -18.99 -21.59
CA THR A 64 0.51 -20.08 -22.41
C THR A 64 0.64 -19.70 -23.90
N LYS A 65 0.38 -18.43 -24.22
CA LYS A 65 0.52 -17.90 -25.57
C LYS A 65 1.25 -16.55 -25.57
N GLY A 66 1.85 -16.19 -26.71
CA GLY A 66 2.60 -14.96 -26.86
C GLY A 66 4.04 -15.06 -26.42
N ARG A 67 4.75 -13.92 -26.35
CA ARG A 67 6.14 -13.92 -25.92
C ARG A 67 6.64 -12.58 -25.38
N ILE A 68 7.71 -12.64 -24.55
CA ILE A 68 8.33 -11.45 -23.96
C ILE A 68 9.75 -11.27 -24.54
N ILE A 69 10.00 -10.14 -25.18
CA ILE A 69 11.30 -9.86 -25.77
C ILE A 69 11.99 -8.70 -25.07
N PHE A 70 13.12 -8.96 -24.44
CA PHE A 70 13.87 -7.93 -23.73
C PHE A 70 15.23 -7.76 -24.42
N LYS A 71 15.54 -6.52 -24.85
CA LYS A 71 16.78 -6.19 -25.56
C LYS A 71 16.96 -7.05 -26.82
N GLY A 72 15.86 -7.37 -27.49
CA GLY A 72 15.90 -8.21 -28.68
C GLY A 72 16.05 -9.69 -28.42
N VAL A 73 16.11 -10.11 -27.16
CA VAL A 73 16.27 -11.53 -26.81
C VAL A 73 14.96 -12.08 -26.26
N ASP A 74 14.52 -13.26 -26.72
CA ASP A 74 13.28 -13.86 -26.20
C ASP A 74 13.66 -14.51 -24.86
N ILE A 75 13.18 -13.90 -23.77
CA ILE A 75 13.53 -14.33 -22.43
C ILE A 75 12.62 -15.42 -21.87
N ILE A 76 11.75 -16.03 -22.69
CA ILE A 76 10.80 -17.04 -22.24
C ILE A 76 11.45 -18.20 -21.45
N ASP A 77 12.59 -18.72 -21.93
CA ASP A 77 13.28 -19.82 -21.22
C ASP A 77 14.35 -19.35 -20.22
N LYS A 78 14.28 -18.09 -19.79
CA LYS A 78 15.25 -17.55 -18.84
C LYS A 78 14.62 -17.37 -17.46
N ASN A 79 15.28 -17.86 -16.41
CA ASN A 79 14.79 -17.72 -15.06
C ASN A 79 14.91 -16.26 -14.54
N ILE A 80 14.35 -15.94 -13.37
CA ILE A 80 14.41 -14.59 -12.82
C ILE A 80 15.86 -14.09 -12.65
N THR A 81 16.81 -14.99 -12.38
CA THR A 81 18.21 -14.61 -12.23
C THR A 81 18.84 -14.25 -13.58
N GLU A 82 18.46 -14.96 -14.65
CA GLU A 82 18.98 -14.69 -15.98
C GLU A 82 18.48 -13.35 -16.50
N ARG A 83 17.20 -13.02 -16.20
CA ARG A 83 16.57 -11.75 -16.60
C ARG A 83 17.17 -10.57 -15.83
N ALA A 84 17.48 -10.77 -14.55
CA ALA A 84 18.07 -9.73 -13.72
C ALA A 84 19.51 -9.40 -14.15
N ARG A 85 20.28 -10.39 -14.67
CA ARG A 85 21.63 -10.12 -15.15
C ARG A 85 21.61 -9.23 -16.42
N MET A 86 20.54 -9.33 -17.22
CA MET A 86 20.39 -8.51 -18.42
C MET A 86 20.06 -7.05 -18.13
N GLY A 87 19.74 -6.70 -16.89
CA GLY A 87 19.43 -5.33 -16.53
C GLY A 87 17.99 -5.05 -16.15
N MET A 88 17.19 -6.10 -15.94
CA MET A 88 15.78 -5.97 -15.55
C MET A 88 15.62 -6.17 -14.04
N THR A 89 14.78 -5.36 -13.39
CA THR A 89 14.50 -5.51 -11.95
C THR A 89 13.04 -5.21 -11.62
N LEU A 90 12.56 -5.77 -10.50
CA LEU A 90 11.18 -5.59 -10.06
C LEU A 90 11.14 -5.14 -8.62
N ALA A 91 10.38 -4.08 -8.35
CA ALA A 91 10.16 -3.56 -7.01
C ALA A 91 8.72 -3.90 -6.65
N TRP A 92 8.54 -4.97 -5.87
CA TRP A 92 7.24 -5.49 -5.43
C TRP A 92 6.41 -4.48 -4.66
N GLN A 93 5.09 -4.61 -4.75
CA GLN A 93 4.20 -3.83 -3.92
C GLN A 93 4.20 -4.67 -2.62
N GLU A 94 4.75 -4.06 -1.53
CA GLU A 94 4.98 -4.69 -0.22
C GLU A 94 6.33 -5.42 -0.31
N PRO A 95 7.45 -4.67 -0.18
CA PRO A 95 8.78 -5.28 -0.30
C PRO A 95 9.19 -6.17 0.89
N ALA A 96 10.16 -7.07 0.67
CA ALA A 96 10.62 -8.00 1.69
C ALA A 96 11.49 -7.39 2.79
N ARG A 97 11.28 -7.85 4.02
CA ARG A 97 12.06 -7.36 5.15
C ARG A 97 13.22 -8.33 5.42
N PHE A 98 14.33 -8.17 4.68
CA PHE A 98 15.51 -9.00 4.83
C PHE A 98 16.22 -8.71 6.15
N GLU A 99 15.78 -9.35 7.25
CA GLU A 99 16.35 -9.12 8.58
C GLU A 99 17.85 -9.47 8.64
N GLY A 100 18.55 -8.88 9.59
CA GLY A 100 19.98 -9.10 9.77
C GLY A 100 20.84 -8.56 8.64
N ILE A 101 20.30 -7.59 7.89
CA ILE A 101 20.97 -6.93 6.78
C ILE A 101 20.74 -5.44 6.92
N LYS A 102 21.80 -4.67 7.20
CA LYS A 102 21.66 -3.22 7.35
C LYS A 102 21.32 -2.55 6.01
N VAL A 103 20.79 -1.33 6.07
CA VAL A 103 20.44 -0.57 4.87
C VAL A 103 21.68 -0.31 4.00
N LYS A 104 22.87 -0.19 4.61
CA LYS A 104 24.11 -0.02 3.88
C LYS A 104 24.48 -1.26 3.07
N ASN A 105 24.23 -2.46 3.62
CA ASN A 105 24.49 -3.72 2.93
C ASN A 105 23.44 -3.94 1.84
N TYR A 106 22.17 -3.64 2.16
CA TYR A 106 21.04 -3.80 1.25
C TYR A 106 21.25 -3.00 -0.02
N LEU A 107 21.64 -1.72 0.12
CA LEU A 107 21.84 -0.83 -1.02
C LEU A 107 23.08 -1.20 -1.84
N MET A 108 24.09 -1.80 -1.18
CA MET A 108 25.31 -2.27 -1.84
C MET A 108 25.06 -3.56 -2.64
N LEU A 109 24.07 -4.38 -2.24
CA LEU A 109 23.72 -5.58 -2.99
C LEU A 109 22.89 -5.08 -4.16
N GLY A 110 23.33 -5.39 -5.36
CA GLY A 110 22.62 -4.94 -6.55
C GLY A 110 23.14 -3.64 -7.14
N MET A 111 24.04 -2.95 -6.45
CA MET A 111 24.62 -1.71 -6.95
C MET A 111 25.33 -1.92 -8.30
N ASN A 112 25.15 -0.96 -9.22
CA ASN A 112 25.75 -0.99 -10.54
C ASN A 112 27.26 -1.07 -10.44
N GLU A 113 27.89 -1.87 -11.32
CA GLU A 113 29.33 -2.07 -11.35
C GLU A 113 30.11 -0.78 -11.46
N LYS A 114 29.61 0.20 -12.22
CA LYS A 114 30.30 1.49 -12.35
C LYS A 114 30.50 2.21 -11.00
N TYR A 115 29.79 1.80 -9.94
CA TYR A 115 29.94 2.39 -8.62
C TYR A 115 30.69 1.46 -7.68
N LYS A 116 30.49 0.13 -7.80
CA LYS A 116 31.16 -0.87 -6.98
C LYS A 116 32.68 -0.92 -7.21
N LYS A 117 33.15 -0.53 -8.42
CA LYS A 117 34.57 -0.58 -8.80
C LYS A 117 35.48 0.25 -7.88
N ASP A 118 34.93 1.29 -7.26
CA ASP A 118 35.67 2.16 -6.35
C ASP A 118 34.87 2.26 -5.06
N LYS A 119 35.46 1.84 -3.94
CA LYS A 119 34.82 1.83 -2.64
C LYS A 119 34.27 3.19 -2.23
N GLU A 120 35.04 4.25 -2.43
CA GLU A 120 34.61 5.61 -2.07
C GLU A 120 33.42 6.08 -2.92
N ILE A 121 33.38 5.67 -4.19
CA ILE A 121 32.28 6.03 -5.09
C ILE A 121 30.98 5.32 -4.66
N ALA A 122 31.11 4.05 -4.26
CA ALA A 122 29.97 3.27 -3.82
C ALA A 122 29.42 3.83 -2.53
N GLU A 123 30.29 4.23 -1.59
CA GLU A 123 29.82 4.82 -0.32
C GLU A 123 29.10 6.17 -0.55
N GLU A 124 29.54 6.96 -1.54
CA GLU A 124 28.85 8.21 -1.84
C GLU A 124 27.51 7.99 -2.55
N LYS A 125 27.42 6.92 -3.35
CA LYS A 125 26.20 6.56 -4.07
C LYS A 125 25.07 6.23 -3.11
N ILE A 126 25.35 5.44 -2.04
CA ILE A 126 24.35 5.05 -1.04
C ILE A 126 23.82 6.28 -0.30
N ARG A 127 24.73 7.19 0.04
CA ARG A 127 24.36 8.42 0.73
C ARG A 127 23.50 9.29 -0.18
N GLU A 128 23.88 9.39 -1.47
CA GLU A 128 23.16 10.17 -2.47
C GLU A 128 21.74 9.64 -2.67
N ALA A 129 21.58 8.31 -2.75
CA ALA A 129 20.29 7.65 -2.96
C ALA A 129 19.33 7.92 -1.82
N LEU A 130 19.82 7.87 -0.57
CA LEU A 130 18.98 8.14 0.59
C LEU A 130 18.55 9.59 0.60
N LYS A 131 19.47 10.51 0.29
CA LYS A 131 19.14 11.93 0.25
C LYS A 131 18.09 12.22 -0.85
N LEU A 132 18.13 11.47 -1.95
CA LEU A 132 17.19 11.61 -3.05
C LEU A 132 15.77 11.21 -2.60
N VAL A 133 15.66 10.15 -1.78
CA VAL A 133 14.35 9.72 -1.29
C VAL A 133 13.98 10.32 0.08
N ASN A 134 14.70 11.38 0.49
CA ASN A 134 14.48 12.16 1.72
C ASN A 134 14.73 11.42 3.03
N LEU A 135 15.62 10.41 3.01
CA LEU A 135 15.99 9.71 4.23
C LEU A 135 17.39 10.20 4.63
N ASP A 136 17.61 10.56 5.90
CA ASP A 136 18.92 11.05 6.34
C ASP A 136 19.88 9.89 6.41
N PRO A 137 20.93 9.86 5.56
CA PRO A 137 21.87 8.74 5.61
C PRO A 137 22.42 8.38 6.99
N ASP A 138 22.75 9.38 7.81
CA ASP A 138 23.27 9.11 9.15
C ASP A 138 22.22 8.48 10.09
N LYS A 139 20.93 8.69 9.83
CA LYS A 139 19.87 8.09 10.64
C LYS A 139 19.42 6.70 10.13
N TYR A 140 19.52 6.46 8.83
CA TYR A 140 19.04 5.21 8.25
C TYR A 140 20.11 4.22 7.75
N LEU A 141 21.39 4.63 7.58
CA LEU A 141 22.45 3.75 7.07
C LEU A 141 22.70 2.48 7.89
N ASP A 142 22.70 2.61 9.21
CA ASP A 142 22.94 1.47 10.08
C ASP A 142 21.64 0.82 10.61
N ARG A 143 20.48 1.22 10.07
CA ARG A 143 19.18 0.63 10.41
C ARG A 143 19.04 -0.73 9.73
N TYR A 144 18.22 -1.64 10.29
CA TYR A 144 18.03 -2.95 9.66
C TYR A 144 16.76 -2.95 8.84
N VAL A 145 16.78 -3.61 7.67
CA VAL A 145 15.56 -3.71 6.87
C VAL A 145 14.73 -4.82 7.49
N ASP A 146 13.74 -4.43 8.27
CA ASP A 146 12.87 -5.35 9.00
C ASP A 146 11.50 -4.68 9.30
N GLU A 147 10.65 -5.29 10.13
CA GLU A 147 9.35 -4.72 10.50
C GLU A 147 9.48 -3.38 11.29
N THR A 148 10.70 -3.04 11.78
CA THR A 148 10.92 -1.79 12.52
C THR A 148 10.67 -0.57 11.64
N LEU A 149 11.05 -0.66 10.35
CA LEU A 149 10.85 0.42 9.37
C LEU A 149 9.38 0.56 8.98
N SER A 150 8.91 1.81 8.86
CA SER A 150 7.53 2.05 8.43
C SER A 150 7.41 1.73 6.92
N GLY A 151 6.20 1.48 6.45
CA GLY A 151 5.98 1.17 5.04
C GLY A 151 6.50 2.22 4.07
N GLY A 152 6.37 3.48 4.46
CA GLY A 152 6.87 4.58 3.65
C GLY A 152 8.38 4.57 3.58
N GLU A 153 9.04 4.29 4.70
CA GLU A 153 10.49 4.20 4.78
C GLU A 153 11.00 3.03 3.98
N ARG A 154 10.35 1.86 4.07
CA ARG A 154 10.76 0.70 3.31
C ARG A 154 10.58 0.94 1.80
N LYS A 155 9.50 1.64 1.42
CA LYS A 155 9.25 1.99 0.02
C LYS A 155 10.31 2.98 -0.50
N ARG A 156 10.76 3.92 0.34
CA ARG A 156 11.81 4.86 -0.02
C ARG A 156 13.14 4.14 -0.15
N ILE A 157 13.44 3.19 0.75
CA ILE A 157 14.67 2.40 0.69
C ILE A 157 14.70 1.55 -0.57
N GLU A 158 13.54 1.03 -0.99
CA GLU A 158 13.43 0.26 -2.22
C GLU A 158 13.73 1.16 -3.42
N LEU A 159 13.26 2.41 -3.41
CA LEU A 159 13.53 3.38 -4.48
C LEU A 159 15.02 3.75 -4.50
N ALA A 160 15.65 3.92 -3.33
CA ALA A 160 17.08 4.19 -3.23
C ALA A 160 17.88 3.03 -3.81
N SER A 161 17.42 1.80 -3.57
CA SER A 161 18.01 0.57 -4.07
C SER A 161 18.04 0.59 -5.61
N ILE A 162 16.97 1.09 -6.25
CA ILE A 162 16.90 1.20 -7.70
C ILE A 162 17.91 2.23 -8.23
N ILE A 163 18.15 3.31 -7.48
CA ILE A 163 19.11 4.36 -7.86
C ILE A 163 20.52 3.77 -7.90
N CYS A 164 20.86 3.00 -6.86
CA CYS A 164 22.17 2.36 -6.77
C CYS A 164 22.36 1.29 -7.84
N MET A 165 21.31 0.53 -8.09
CA MET A 165 21.31 -0.52 -9.09
C MET A 165 21.44 0.04 -10.50
N GLU A 166 20.73 1.15 -10.77
CA GLU A 166 20.65 1.83 -12.06
C GLU A 166 20.39 0.85 -13.20
N PRO A 167 19.24 0.15 -13.15
CA PRO A 167 18.97 -0.88 -14.15
C PRO A 167 18.51 -0.34 -15.51
N ASP A 168 18.53 -1.21 -16.53
CA ASP A 168 18.05 -0.83 -17.85
C ASP A 168 16.53 -0.69 -17.82
N LEU A 169 15.85 -1.60 -17.11
CA LEU A 169 14.40 -1.59 -16.94
C LEU A 169 14.03 -1.85 -15.49
N ALA A 170 13.39 -0.87 -14.86
CA ALA A 170 12.91 -1.02 -13.50
C ALA A 170 11.39 -1.09 -13.55
N ILE A 171 10.83 -2.25 -13.20
CA ILE A 171 9.39 -2.41 -13.14
C ILE A 171 8.99 -2.09 -11.71
N LEU A 172 8.21 -1.04 -11.51
CA LEU A 172 7.80 -0.63 -10.17
C LEU A 172 6.32 -0.86 -9.95
N ASP A 173 5.96 -1.77 -9.05
CA ASP A 173 4.56 -2.07 -8.74
C ASP A 173 4.13 -1.21 -7.55
N GLU A 174 3.41 -0.13 -7.84
CA GLU A 174 2.95 0.86 -6.88
C GLU A 174 4.09 1.43 -6.07
N PRO A 175 5.02 2.18 -6.71
CA PRO A 175 6.13 2.77 -5.94
C PRO A 175 5.69 3.83 -4.94
N ASP A 176 4.46 4.37 -5.13
CA ASP A 176 3.83 5.41 -4.32
C ASP A 176 3.12 4.89 -3.08
N SER A 177 2.73 3.61 -3.08
CA SER A 177 2.01 2.98 -1.99
C SER A 177 2.68 3.16 -0.64
N GLY A 178 1.96 3.76 0.30
CA GLY A 178 2.47 4.02 1.64
C GLY A 178 3.26 5.31 1.78
N ILE A 179 3.54 5.99 0.66
CA ILE A 179 4.27 7.23 0.69
C ILE A 179 3.30 8.41 0.78
N ASP A 180 3.59 9.38 1.64
CA ASP A 180 2.74 10.54 1.84
C ASP A 180 2.70 11.44 0.60
N ILE A 181 1.62 12.22 0.42
CA ILE A 181 1.44 13.11 -0.74
C ILE A 181 2.34 14.37 -0.72
N VAL A 182 2.90 14.71 0.46
CA VAL A 182 3.81 15.83 0.61
C VAL A 182 5.24 15.46 0.11
N SER A 183 5.46 14.21 -0.34
CA SER A 183 6.70 13.65 -0.87
C SER A 183 6.54 13.08 -2.27
N PHE A 184 5.47 13.44 -3.00
CA PHE A 184 5.29 12.95 -4.37
C PHE A 184 6.22 13.60 -5.37
N ASP A 185 6.74 14.81 -5.08
CA ASP A 185 7.71 15.47 -5.95
C ASP A 185 9.04 14.75 -5.87
N GLU A 186 9.42 14.24 -4.69
CA GLU A 186 10.65 13.48 -4.53
C GLU A 186 10.59 12.19 -5.35
N ILE A 187 9.40 11.56 -5.44
CA ILE A 187 9.23 10.35 -6.27
C ILE A 187 9.42 10.70 -7.74
N LYS A 188 8.85 11.83 -8.19
CA LYS A 188 9.00 12.31 -9.58
C LYS A 188 10.46 12.63 -9.89
N ARG A 189 11.17 13.23 -8.91
CA ARG A 189 12.59 13.53 -9.07
C ARG A 189 13.45 12.28 -9.13
N VAL A 190 13.01 11.20 -8.48
CA VAL A 190 13.71 9.91 -8.57
C VAL A 190 13.52 9.36 -9.99
N PHE A 191 12.31 9.45 -10.54
CA PHE A 191 12.00 9.00 -11.87
C PHE A 191 12.81 9.78 -12.90
N ASP A 192 12.95 11.11 -12.69
CA ASP A 192 13.71 12.03 -13.55
C ASP A 192 15.18 11.66 -13.52
N TYR A 193 15.72 11.39 -12.31
CA TYR A 193 17.11 11.01 -12.12
C TYR A 193 17.38 9.68 -12.82
N LEU A 194 16.46 8.72 -12.70
CA LEU A 194 16.62 7.43 -13.34
C LEU A 194 16.56 7.56 -14.86
N LYS A 195 15.67 8.42 -15.37
CA LYS A 195 15.56 8.68 -16.81
C LYS A 195 16.84 9.34 -17.31
N ASP A 196 17.42 10.27 -16.50
CA ASP A 196 18.67 10.97 -16.80
C ASP A 196 19.85 10.03 -16.99
N LYS A 197 19.84 8.89 -16.28
CA LYS A 197 20.89 7.88 -16.35
C LYS A 197 20.71 6.86 -17.50
N GLY A 198 19.57 6.90 -18.19
CA GLY A 198 19.29 5.96 -19.27
C GLY A 198 18.36 4.82 -18.89
N CYS A 199 17.73 4.90 -17.70
CA CYS A 199 16.81 3.85 -17.26
C CYS A 199 15.43 3.98 -17.88
N SER A 200 14.71 2.87 -17.96
CA SER A 200 13.34 2.87 -18.42
C SER A 200 12.51 2.31 -17.28
N LEU A 201 11.45 3.04 -16.89
CA LEU A 201 10.60 2.60 -15.80
C LEU A 201 9.26 2.14 -16.35
N LEU A 202 8.77 1.01 -15.84
CA LEU A 202 7.44 0.50 -16.17
C LEU A 202 6.74 0.57 -14.84
N VAL A 203 6.02 1.65 -14.60
CA VAL A 203 5.40 1.95 -13.32
C VAL A 203 3.93 1.63 -13.26
N ILE A 204 3.51 0.74 -12.35
CA ILE A 204 2.10 0.46 -12.13
C ILE A 204 1.69 1.42 -11.01
N THR A 205 0.63 2.23 -11.22
CA THR A 205 0.24 3.19 -10.20
C THR A 205 -1.27 3.49 -10.17
N HIS A 206 -1.75 3.88 -8.98
CA HIS A 206 -3.11 4.33 -8.71
C HIS A 206 -3.16 5.86 -8.43
N ARG A 207 -1.98 6.54 -8.42
CA ARG A 207 -1.88 7.96 -8.22
C ARG A 207 -1.80 8.66 -9.57
N GLU A 208 -2.81 9.49 -9.90
CA GLU A 208 -2.80 10.27 -11.13
C GLU A 208 -1.59 11.23 -11.14
N GLU A 209 -1.18 11.72 -9.96
CA GLU A 209 -0.03 12.58 -9.71
C GLU A 209 1.21 11.97 -10.36
N LEU A 210 1.41 10.66 -10.18
CA LEU A 210 2.55 9.94 -10.76
C LEU A 210 2.32 9.46 -12.17
N ALA A 211 1.11 8.95 -12.48
CA ALA A 211 0.81 8.46 -13.82
C ALA A 211 0.89 9.57 -14.87
N GLU A 212 0.52 10.81 -14.50
CA GLU A 212 0.64 11.93 -15.41
C GLU A 212 2.09 12.41 -15.62
N HIS A 213 3.04 11.92 -14.82
CA HIS A 213 4.47 12.23 -14.95
C HIS A 213 5.16 11.33 -16.01
N ALA A 214 4.54 10.20 -16.38
CA ALA A 214 5.04 9.28 -17.38
C ALA A 214 4.95 9.89 -18.79
N ASP A 215 5.79 9.40 -19.72
CA ASP A 215 5.72 9.86 -21.11
C ASP A 215 4.54 9.21 -21.88
N ARG A 216 4.05 8.07 -21.39
CA ARG A 216 3.00 7.30 -22.01
C ARG A 216 2.30 6.46 -20.93
N VAL A 217 0.98 6.41 -20.95
CA VAL A 217 0.23 5.60 -19.99
C VAL A 217 -0.56 4.52 -20.74
N SER A 218 -0.67 3.31 -20.19
CA SER A 218 -1.47 2.25 -20.79
C SER A 218 -2.55 1.78 -19.80
N LEU A 219 -3.80 1.74 -20.25
CA LEU A 219 -4.91 1.29 -19.42
C LEU A 219 -5.12 -0.18 -19.67
N ILE A 220 -5.12 -0.99 -18.61
CA ILE A 220 -5.36 -2.42 -18.74
C ILE A 220 -6.67 -2.79 -18.02
N CYS A 221 -7.55 -3.51 -18.73
CA CYS A 221 -8.85 -3.99 -18.25
C CYS A 221 -8.99 -5.45 -18.65
N ALA A 222 -9.26 -6.34 -17.70
CA ALA A 222 -9.44 -7.77 -17.91
C ALA A 222 -8.36 -8.41 -18.81
N GLY A 223 -7.11 -8.14 -18.49
CA GLY A 223 -5.95 -8.67 -19.22
C GLY A 223 -5.80 -8.14 -20.62
N GLU A 224 -6.26 -6.91 -20.88
CA GLU A 224 -6.17 -6.31 -22.22
C GLU A 224 -5.87 -4.83 -22.14
N VAL A 225 -5.01 -4.32 -23.03
CA VAL A 225 -4.73 -2.90 -23.06
C VAL A 225 -5.88 -2.20 -23.80
N ILE A 226 -6.74 -1.50 -23.06
CA ILE A 226 -7.89 -0.79 -23.63
C ILE A 226 -7.46 0.48 -24.37
N LYS A 227 -6.67 1.36 -23.74
CA LYS A 227 -6.17 2.57 -24.38
C LYS A 227 -4.68 2.80 -24.05
N SER A 228 -3.99 3.64 -24.82
CA SER A 228 -2.58 3.94 -24.58
C SER A 228 -2.21 5.27 -25.22
N GLY A 229 -1.27 5.99 -24.61
CA GLY A 229 -0.82 7.26 -25.15
C GLY A 229 -0.65 8.38 -24.14
N ASP A 230 -1.34 9.50 -24.37
CA ASP A 230 -1.25 10.65 -23.49
C ASP A 230 -1.71 10.35 -22.07
N PRO A 231 -0.89 10.67 -21.07
CA PRO A 231 -1.27 10.38 -19.68
C PRO A 231 -2.60 10.98 -19.21
N LYS A 232 -2.90 12.23 -19.59
CA LYS A 232 -4.15 12.88 -19.17
C LYS A 232 -5.38 12.34 -19.89
N GLU A 233 -5.28 12.09 -21.21
CA GLU A 233 -6.37 11.54 -22.01
C GLU A 233 -6.74 10.12 -21.55
N VAL A 234 -5.73 9.24 -21.39
CA VAL A 234 -5.91 7.86 -20.93
C VAL A 234 -6.43 7.81 -19.49
N GLY A 235 -5.96 8.73 -18.66
CA GLY A 235 -6.40 8.83 -17.27
C GLY A 235 -7.85 9.24 -17.17
N GLU A 236 -8.28 10.18 -18.03
CA GLU A 236 -9.67 10.63 -18.04
C GLU A 236 -10.62 9.55 -18.56
N PHE A 237 -10.17 8.78 -19.55
CA PHE A 237 -10.95 7.67 -20.08
C PHE A 237 -11.17 6.60 -19.01
N TYR A 238 -10.16 6.37 -18.14
CA TYR A 238 -10.24 5.39 -17.06
C TYR A 238 -11.30 5.77 -16.05
N LYS A 239 -11.26 7.01 -15.53
CA LYS A 239 -12.28 7.45 -14.56
C LYS A 239 -13.68 7.41 -15.19
N LYS A 240 -13.78 7.71 -16.49
CA LYS A 240 -15.05 7.72 -17.22
C LYS A 240 -15.64 6.31 -17.49
N GLU A 241 -15.01 5.48 -18.35
CA GLU A 241 -15.53 4.14 -18.65
C GLU A 241 -15.35 3.10 -17.52
N CYS A 242 -14.23 3.17 -16.77
CA CYS A 242 -13.99 2.22 -15.67
C CYS A 242 -14.43 2.79 -14.33
N GLY B 1 -34.89 16.38 23.18
CA GLY B 1 -33.67 16.17 23.93
C GLY B 1 -33.03 17.44 24.45
N GLU B 2 -32.99 17.61 25.78
CA GLU B 2 -32.49 18.81 26.43
C GLU B 2 -30.96 19.04 26.45
N PHE B 3 -30.15 18.06 26.88
CA PHE B 3 -28.71 18.24 26.96
C PHE B 3 -28.02 17.74 25.73
N MET B 4 -27.03 18.48 25.27
CA MET B 4 -26.22 18.15 24.12
C MET B 4 -24.86 17.79 24.63
N VAL B 5 -24.62 16.49 24.80
CA VAL B 5 -23.34 16.01 25.29
C VAL B 5 -22.64 15.23 24.16
N SER B 6 -21.35 14.94 24.35
CA SER B 6 -20.56 14.11 23.44
C SER B 6 -20.03 12.94 24.26
N ILE B 7 -20.09 11.72 23.71
CA ILE B 7 -19.59 10.55 24.42
C ILE B 7 -18.24 10.14 23.85
N MET B 8 -17.26 9.92 24.71
CA MET B 8 -15.97 9.43 24.26
C MET B 8 -15.90 7.92 24.28
N LEU B 9 -15.49 7.32 23.19
CA LEU B 9 -15.29 5.88 23.11
C LEU B 9 -13.82 5.55 23.47
N LEU B 10 -12.90 6.40 23.01
CA LEU B 10 -11.47 6.24 23.20
C LEU B 10 -10.87 7.60 23.59
N LYS B 11 -9.95 7.58 24.53
CA LYS B 11 -9.28 8.79 24.99
C LYS B 11 -7.76 8.55 25.18
N VAL B 12 -6.95 9.12 24.31
CA VAL B 12 -5.48 9.01 24.40
C VAL B 12 -5.01 10.30 25.08
N GLU B 13 -4.49 10.19 26.31
CA GLU B 13 -4.05 11.33 27.12
C GLU B 13 -2.51 11.38 27.20
N ASP B 14 -1.91 12.50 26.72
CA ASP B 14 -0.46 12.80 26.66
C ASP B 14 0.42 11.56 26.50
N LEU B 15 0.17 10.80 25.44
CA LEU B 15 0.86 9.55 25.20
C LEU B 15 2.27 9.69 24.68
N HIS B 16 3.25 9.20 25.44
CA HIS B 16 4.64 9.19 25.00
C HIS B 16 5.05 7.75 24.74
N VAL B 17 5.44 7.43 23.48
CA VAL B 17 5.82 6.06 23.12
C VAL B 17 7.24 6.03 22.52
N TYR B 18 8.11 5.20 23.10
CA TYR B 18 9.49 5.03 22.67
C TYR B 18 9.66 3.72 21.94
N ARG B 19 10.14 3.77 20.69
CA ARG B 19 10.39 2.56 19.93
C ARG B 19 11.88 2.42 19.74
N GLY B 20 12.44 1.35 20.28
CA GLY B 20 13.88 1.09 20.22
C GLY B 20 14.66 2.13 21.00
N ASN B 21 15.17 3.13 20.29
CA ASN B 21 15.94 4.20 20.90
C ASN B 21 15.17 5.54 20.80
N ARG B 22 14.59 5.80 19.61
CA ARG B 22 13.87 7.02 19.27
C ARG B 22 12.54 7.16 20.03
N GLU B 23 12.12 8.42 20.28
CA GLU B 23 10.84 8.74 20.91
C GLU B 23 9.92 9.03 19.74
N ILE B 24 8.99 8.11 19.45
CA ILE B 24 8.10 8.27 18.32
C ILE B 24 6.90 9.17 18.65
N LEU B 25 6.15 8.85 19.72
CA LEU B 25 5.03 9.69 20.12
C LEU B 25 5.46 10.59 21.25
N LYS B 26 5.24 11.89 21.11
CA LYS B 26 5.65 12.87 22.11
C LYS B 26 4.42 13.61 22.65
N GLY B 27 3.62 12.93 23.45
CA GLY B 27 2.42 13.52 24.04
C GLY B 27 1.26 13.67 23.07
N VAL B 28 0.61 12.54 22.74
CA VAL B 28 -0.53 12.56 21.83
C VAL B 28 -1.82 12.71 22.62
N ASN B 29 -2.65 13.66 22.21
CA ASN B 29 -3.96 13.89 22.81
C ASN B 29 -4.96 13.67 21.68
N LEU B 30 -5.69 12.56 21.75
CA LEU B 30 -6.59 12.18 20.68
C LEU B 30 -7.82 11.52 21.31
N THR B 31 -9.01 11.79 20.77
CA THR B 31 -10.22 11.17 21.27
C THR B 31 -11.06 10.63 20.13
N VAL B 32 -11.77 9.52 20.35
CA VAL B 32 -12.69 9.01 19.35
C VAL B 32 -14.05 8.96 20.02
N GLU B 33 -15.06 9.58 19.40
CA GLU B 33 -16.41 9.59 19.94
C GLU B 33 -17.22 8.39 19.45
N GLU B 34 -18.32 8.06 20.17
CA GLU B 34 -19.18 6.96 19.74
C GLU B 34 -19.84 7.35 18.40
N ASN B 35 -19.86 6.41 17.43
CA ASN B 35 -20.44 6.58 16.11
C ASN B 35 -19.80 7.70 15.29
N GLU B 36 -18.48 7.81 15.39
CA GLU B 36 -17.75 8.85 14.67
C GLU B 36 -16.67 8.22 13.78
N ILE B 37 -16.36 8.90 12.65
CA ILE B 37 -15.27 8.53 11.76
C ILE B 37 -14.21 9.60 11.97
N HIS B 38 -13.10 9.23 12.57
CA HIS B 38 -12.03 10.13 12.87
C HIS B 38 -10.81 9.73 12.03
N ALA B 39 -10.45 10.54 11.01
CA ALA B 39 -9.29 10.23 10.19
C ALA B 39 -8.00 10.80 10.78
N ILE B 40 -6.88 10.10 10.58
CA ILE B 40 -5.59 10.57 11.04
C ILE B 40 -4.72 10.73 9.79
N ILE B 41 -4.22 11.95 9.55
CA ILE B 41 -3.37 12.27 8.42
C ILE B 41 -1.98 12.71 8.90
N GLY B 42 -1.00 12.77 8.01
CA GLY B 42 0.34 13.18 8.38
C GLY B 42 1.41 12.52 7.55
N PRO B 43 2.63 13.08 7.61
CA PRO B 43 3.74 12.54 6.80
C PRO B 43 4.27 11.17 7.26
N ASN B 44 5.17 10.55 6.48
CA ASN B 44 5.77 9.28 6.84
C ASN B 44 6.66 9.47 8.05
N GLY B 45 6.62 8.52 8.97
CA GLY B 45 7.45 8.59 10.17
C GLY B 45 6.92 9.46 11.28
N ALA B 46 5.75 10.09 11.08
CA ALA B 46 5.12 10.93 12.10
C ALA B 46 4.58 10.15 13.33
N GLY B 47 4.39 8.85 13.19
CA GLY B 47 3.96 8.00 14.29
C GLY B 47 2.52 7.55 14.24
N LYS B 48 1.85 7.73 13.09
CA LYS B 48 0.44 7.35 12.94
C LYS B 48 0.21 5.84 13.16
N SER B 49 0.99 4.97 12.49
CA SER B 49 0.88 3.51 12.68
C SER B 49 1.24 3.15 14.10
N THR B 50 2.27 3.79 14.67
CA THR B 50 2.66 3.52 16.06
C THR B 50 1.52 3.83 17.03
N LEU B 51 0.76 4.88 16.75
CA LEU B 51 -0.40 5.25 17.56
C LEU B 51 -1.45 4.14 17.49
N ALA B 52 -1.72 3.61 16.30
CA ALA B 52 -2.69 2.53 16.12
C ALA B 52 -2.25 1.26 16.85
N TYR B 53 -0.94 0.94 16.78
CA TYR B 53 -0.40 -0.25 17.43
C TYR B 53 -0.43 -0.14 18.95
N THR B 54 -0.23 1.07 19.48
CA THR B 54 -0.27 1.31 20.91
C THR B 54 -1.69 1.19 21.42
N ILE B 55 -2.68 1.70 20.65
CA ILE B 55 -4.09 1.56 21.06
C ILE B 55 -4.48 0.07 21.06
N MET B 56 -4.08 -0.68 20.02
CA MET B 56 -4.40 -2.11 19.96
C MET B 56 -3.64 -2.97 20.99
N GLY B 57 -2.56 -2.44 21.54
CA GLY B 57 -1.78 -3.16 22.55
C GLY B 57 -0.90 -4.21 21.93
N ILE B 58 -0.35 -3.92 20.75
CA ILE B 58 0.58 -4.79 20.03
C ILE B 58 1.83 -4.96 20.89
N SER B 59 2.36 -6.20 20.98
CA SER B 59 3.54 -6.48 21.79
C SER B 59 4.73 -5.58 21.45
N GLY B 60 5.21 -4.86 22.45
CA GLY B 60 6.32 -3.94 22.31
C GLY B 60 5.90 -2.48 22.29
N TYR B 61 4.61 -2.20 22.04
CA TYR B 61 4.11 -0.83 21.96
C TYR B 61 3.49 -0.38 23.28
N LYS B 62 4.32 -0.25 24.32
CA LYS B 62 3.83 0.20 25.62
C LYS B 62 4.22 1.64 25.85
N PRO B 63 3.30 2.46 26.40
CA PRO B 63 3.64 3.87 26.64
C PRO B 63 4.52 4.09 27.88
N THR B 64 5.49 5.02 27.77
CA THR B 64 6.34 5.41 28.91
C THR B 64 5.57 6.44 29.76
N LYS B 65 4.85 7.36 29.11
CA LYS B 65 4.02 8.36 29.78
C LYS B 65 2.62 8.45 29.13
N GLY B 66 1.64 8.95 29.88
CA GLY B 66 0.27 9.11 29.43
C GLY B 66 -0.57 7.85 29.61
N ARG B 67 -1.78 7.83 29.03
CA ARG B 67 -2.65 6.65 29.15
C ARG B 67 -3.72 6.55 28.06
N ILE B 68 -4.20 5.31 27.81
CA ILE B 68 -5.24 5.00 26.84
C ILE B 68 -6.51 4.54 27.57
N ILE B 69 -7.63 5.25 27.38
CA ILE B 69 -8.89 4.90 28.02
C ILE B 69 -9.93 4.49 26.99
N PHE B 70 -10.38 3.25 27.04
CA PHE B 70 -11.38 2.73 26.11
C PHE B 70 -12.63 2.36 26.90
N LYS B 71 -13.78 2.94 26.52
CA LYS B 71 -15.06 2.71 27.20
C LYS B 71 -14.98 3.02 28.70
N GLY B 72 -14.21 4.04 29.06
CA GLY B 72 -14.03 4.42 30.46
C GLY B 72 -13.07 3.55 31.25
N VAL B 73 -12.47 2.54 30.62
CA VAL B 73 -11.55 1.64 31.31
C VAL B 73 -10.13 1.93 30.88
N ASP B 74 -9.16 2.02 31.82
CA ASP B 74 -7.76 2.22 31.45
C ASP B 74 -7.20 0.85 30.99
N ILE B 75 -6.97 0.74 29.68
CA ILE B 75 -6.53 -0.50 29.09
C ILE B 75 -5.03 -0.72 29.08
N ILE B 76 -4.26 0.11 29.77
CA ILE B 76 -2.79 0.02 29.80
C ILE B 76 -2.27 -1.38 30.16
N ASP B 77 -2.83 -2.03 31.18
CA ASP B 77 -2.37 -3.38 31.56
C ASP B 77 -3.15 -4.52 30.89
N LYS B 78 -3.84 -4.22 29.77
CA LYS B 78 -4.61 -5.25 29.07
C LYS B 78 -3.90 -5.66 27.77
N ASN B 79 -3.75 -6.97 27.54
CA ASN B 79 -3.12 -7.46 26.33
C ASN B 79 -4.02 -7.26 25.09
N ILE B 80 -3.51 -7.53 23.88
CA ILE B 80 -4.28 -7.36 22.65
C ILE B 80 -5.57 -8.21 22.66
N THR B 81 -5.57 -9.36 23.33
CA THR B 81 -6.75 -10.21 23.42
C THR B 81 -7.81 -9.60 24.34
N GLU B 82 -7.37 -8.95 25.43
CA GLU B 82 -8.30 -8.33 26.37
C GLU B 82 -8.97 -7.10 25.74
N ARG B 83 -8.22 -6.35 24.92
CA ARG B 83 -8.72 -5.15 24.22
C ARG B 83 -9.69 -5.55 23.09
N ALA B 84 -9.42 -6.66 22.42
CA ALA B 84 -10.27 -7.14 21.35
C ALA B 84 -11.61 -7.66 21.88
N ARG B 85 -11.64 -8.21 23.10
CA ARG B 85 -12.84 -8.67 23.79
C ARG B 85 -13.78 -7.51 24.12
N MET B 86 -13.24 -6.31 24.32
CA MET B 86 -14.02 -5.11 24.60
C MET B 86 -14.67 -4.48 23.36
N GLY B 87 -14.31 -4.93 22.16
CA GLY B 87 -14.89 -4.40 20.93
C GLY B 87 -13.96 -3.60 20.04
N MET B 88 -12.66 -3.65 20.33
CA MET B 88 -11.65 -2.94 19.55
C MET B 88 -10.97 -3.89 18.55
N THR B 89 -10.72 -3.42 17.31
CA THR B 89 -10.03 -4.21 16.29
C THR B 89 -9.09 -3.35 15.45
N LEU B 90 -8.06 -3.99 14.84
CA LEU B 90 -7.09 -3.30 14.01
C LEU B 90 -6.95 -4.00 12.68
N ALA B 91 -7.03 -3.22 11.58
CA ALA B 91 -6.80 -3.75 10.26
C ALA B 91 -5.45 -3.25 9.81
N TRP B 92 -4.50 -4.16 9.58
CA TRP B 92 -3.13 -3.82 9.18
C TRP B 92 -3.05 -3.31 7.75
N GLN B 93 -2.01 -2.52 7.46
CA GLN B 93 -1.79 -1.94 6.15
C GLN B 93 -1.58 -3.08 5.11
N GLU B 94 -0.79 -4.10 5.45
CA GLU B 94 -0.62 -5.25 4.58
C GLU B 94 -1.15 -6.41 5.39
N PRO B 95 -2.41 -6.82 5.13
CA PRO B 95 -3.00 -7.89 5.94
C PRO B 95 -2.35 -9.26 5.69
N ALA B 96 -2.35 -10.11 6.73
CA ALA B 96 -1.77 -11.43 6.71
C ALA B 96 -2.44 -12.37 5.73
N ARG B 97 -1.62 -13.19 5.09
CA ARG B 97 -2.06 -14.24 4.18
C ARG B 97 -1.99 -15.53 4.98
N PHE B 98 -2.95 -16.42 4.77
CA PHE B 98 -3.04 -17.67 5.49
C PHE B 98 -3.29 -18.80 4.52
N GLU B 99 -2.43 -19.83 4.51
CA GLU B 99 -2.70 -20.98 3.65
C GLU B 99 -3.77 -21.84 4.29
N GLY B 100 -4.60 -22.43 3.43
CA GLY B 100 -5.66 -23.31 3.86
C GLY B 100 -6.92 -22.67 4.42
N ILE B 101 -6.91 -21.36 4.68
CA ILE B 101 -8.11 -20.69 5.19
C ILE B 101 -8.90 -20.12 4.04
N LYS B 102 -10.14 -20.61 3.79
CA LYS B 102 -11.03 -20.08 2.74
C LYS B 102 -11.58 -18.68 3.15
N VAL B 103 -12.07 -17.92 2.18
CA VAL B 103 -12.65 -16.60 2.44
C VAL B 103 -13.90 -16.69 3.33
N LYS B 104 -14.75 -17.71 3.14
CA LYS B 104 -15.95 -17.88 3.97
C LYS B 104 -15.59 -18.10 5.42
N ASN B 105 -14.58 -18.94 5.66
CA ASN B 105 -14.14 -19.24 7.00
C ASN B 105 -13.49 -18.05 7.66
N TYR B 106 -12.74 -17.24 6.91
CA TYR B 106 -12.05 -16.07 7.44
C TYR B 106 -13.04 -15.01 7.87
N LEU B 107 -14.07 -14.76 7.04
CA LEU B 107 -15.10 -13.79 7.38
C LEU B 107 -15.99 -14.23 8.57
N MET B 108 -16.13 -15.54 8.77
CA MET B 108 -16.86 -16.12 9.89
C MET B 108 -16.10 -15.92 11.17
N LEU B 109 -14.75 -15.97 11.14
CA LEU B 109 -13.87 -15.71 12.28
C LEU B 109 -14.02 -14.25 12.58
N GLY B 110 -14.37 -13.95 13.80
CA GLY B 110 -14.53 -12.54 14.18
C GLY B 110 -15.91 -11.98 13.95
N MET B 111 -16.80 -12.73 13.30
CA MET B 111 -18.16 -12.26 13.07
C MET B 111 -18.90 -11.97 14.38
N ASN B 112 -19.67 -10.87 14.41
CA ASN B 112 -20.45 -10.45 15.56
C ASN B 112 -21.43 -11.53 15.97
N GLU B 113 -21.58 -11.73 17.28
CA GLU B 113 -22.45 -12.75 17.85
C GLU B 113 -23.89 -12.63 17.36
N LYS B 114 -24.39 -11.41 17.16
CA LYS B 114 -25.75 -11.24 16.67
C LYS B 114 -26.00 -11.92 15.30
N TYR B 115 -24.92 -12.28 14.58
CA TYR B 115 -25.04 -12.96 13.29
C TYR B 115 -24.69 -14.45 13.41
N LYS B 116 -23.72 -14.79 14.26
CA LYS B 116 -23.30 -16.17 14.49
C LYS B 116 -24.41 -17.04 15.13
N LYS B 117 -25.33 -16.43 15.90
CA LYS B 117 -26.39 -17.14 16.61
C LYS B 117 -27.32 -17.96 15.71
N ASP B 118 -27.44 -17.55 14.43
CA ASP B 118 -28.26 -18.26 13.45
C ASP B 118 -27.38 -18.51 12.22
N LYS B 119 -27.20 -19.78 11.85
CA LYS B 119 -26.36 -20.17 10.72
C LYS B 119 -26.74 -19.49 9.42
N GLU B 120 -28.03 -19.42 9.10
CA GLU B 120 -28.51 -18.79 7.87
C GLU B 120 -28.22 -17.28 7.86
N ILE B 121 -28.31 -16.63 9.02
CA ILE B 121 -28.02 -15.20 9.13
C ILE B 121 -26.54 -14.92 8.90
N ALA B 122 -25.67 -15.78 9.44
CA ALA B 122 -24.24 -15.64 9.29
C ALA B 122 -23.85 -15.86 7.83
N GLU B 123 -24.44 -16.85 7.15
CA GLU B 123 -24.15 -17.08 5.74
C GLU B 123 -24.61 -15.90 4.85
N GLU B 124 -25.72 -15.23 5.20
CA GLU B 124 -26.18 -14.08 4.44
C GLU B 124 -25.29 -12.87 4.70
N LYS B 125 -24.77 -12.72 5.93
CA LYS B 125 -23.89 -11.61 6.32
C LYS B 125 -22.61 -11.61 5.49
N ILE B 126 -21.97 -12.78 5.30
CA ILE B 126 -20.73 -12.92 4.53
C ILE B 126 -20.98 -12.53 3.07
N ARG B 127 -22.11 -12.94 2.53
CA ARG B 127 -22.46 -12.62 1.15
C ARG B 127 -22.71 -11.12 1.01
N GLU B 128 -23.39 -10.51 2.00
CA GLU B 128 -23.67 -9.08 2.02
C GLU B 128 -22.40 -8.25 2.08
N ALA B 129 -21.44 -8.68 2.92
CA ALA B 129 -20.16 -7.99 3.11
C ALA B 129 -19.34 -7.98 1.84
N LEU B 130 -19.31 -9.11 1.09
CA LEU B 130 -18.56 -9.19 -0.16
C LEU B 130 -19.21 -8.30 -1.20
N LYS B 131 -20.54 -8.29 -1.28
CA LYS B 131 -21.25 -7.44 -2.23
C LYS B 131 -21.01 -5.95 -1.92
N LEU B 132 -20.85 -5.60 -0.64
CA LEU B 132 -20.57 -4.24 -0.23
C LEU B 132 -19.18 -3.80 -0.71
N VAL B 133 -18.20 -4.68 -0.68
CA VAL B 133 -16.85 -4.35 -1.14
C VAL B 133 -16.60 -4.72 -2.63
N ASN B 134 -17.68 -4.99 -3.38
CA ASN B 134 -17.69 -5.29 -4.80
C ASN B 134 -17.03 -6.60 -5.22
N LEU B 135 -16.99 -7.59 -4.33
CA LEU B 135 -16.46 -8.91 -4.66
C LEU B 135 -17.67 -9.85 -4.83
N ASP B 136 -17.71 -10.63 -5.91
CA ASP B 136 -18.84 -11.53 -6.16
C ASP B 136 -18.74 -12.70 -5.21
N PRO B 137 -19.68 -12.85 -4.27
CA PRO B 137 -19.61 -13.97 -3.32
C PRO B 137 -19.39 -15.35 -3.95
N ASP B 138 -20.04 -15.64 -5.08
CA ASP B 138 -19.88 -16.93 -5.74
C ASP B 138 -18.48 -17.12 -6.34
N LYS B 139 -17.77 -16.03 -6.66
CA LYS B 139 -16.41 -16.13 -7.19
C LYS B 139 -15.32 -16.13 -6.09
N TYR B 140 -15.58 -15.47 -4.95
CA TYR B 140 -14.59 -15.35 -3.90
C TYR B 140 -14.83 -16.14 -2.62
N LEU B 141 -16.04 -16.68 -2.34
CA LEU B 141 -16.26 -17.45 -1.11
C LEU B 141 -15.33 -18.66 -1.00
N ASP B 142 -15.15 -19.39 -2.10
CA ASP B 142 -14.30 -20.59 -2.12
C ASP B 142 -12.82 -20.31 -2.28
N ARG B 143 -12.44 -19.06 -2.55
CA ARG B 143 -11.03 -18.71 -2.69
C ARG B 143 -10.33 -18.75 -1.32
N TYR B 144 -8.99 -18.82 -1.32
CA TYR B 144 -8.24 -18.84 -0.08
C TYR B 144 -7.73 -17.47 0.22
N VAL B 145 -7.62 -17.11 1.50
CA VAL B 145 -7.11 -15.81 1.91
C VAL B 145 -5.58 -15.93 1.94
N ASP B 146 -4.99 -16.41 0.86
CA ASP B 146 -3.55 -16.65 0.77
C ASP B 146 -2.83 -15.70 -0.24
N GLU B 147 -1.62 -16.06 -0.70
CA GLU B 147 -0.85 -15.26 -1.68
C GLU B 147 -1.49 -15.17 -3.07
N THR B 148 -2.53 -15.95 -3.32
CA THR B 148 -3.24 -16.01 -4.57
C THR B 148 -4.08 -14.74 -4.83
N LEU B 149 -4.58 -14.11 -3.78
CA LEU B 149 -5.36 -12.89 -3.90
C LEU B 149 -4.49 -11.70 -4.25
N SER B 150 -5.02 -10.75 -5.04
CA SER B 150 -4.30 -9.52 -5.30
C SER B 150 -4.44 -8.61 -4.07
N GLY B 151 -3.55 -7.64 -3.93
CA GLY B 151 -3.59 -6.73 -2.79
C GLY B 151 -4.91 -6.01 -2.59
N GLY B 152 -5.52 -5.62 -3.71
CA GLY B 152 -6.82 -4.94 -3.68
C GLY B 152 -7.90 -5.85 -3.19
N GLU B 153 -7.88 -7.11 -3.64
CA GLU B 153 -8.84 -8.12 -3.22
C GLU B 153 -8.67 -8.43 -1.74
N ARG B 154 -7.42 -8.55 -1.27
CA ARG B 154 -7.15 -8.82 0.11
C ARG B 154 -7.62 -7.66 0.99
N LYS B 155 -7.41 -6.43 0.53
CA LYS B 155 -7.86 -5.24 1.25
C LYS B 155 -9.39 -5.16 1.33
N ARG B 156 -10.09 -5.58 0.25
CA ARG B 156 -11.55 -5.60 0.23
C ARG B 156 -12.05 -6.70 1.18
N ILE B 157 -11.39 -7.86 1.21
CA ILE B 157 -11.77 -8.95 2.11
C ILE B 157 -11.58 -8.53 3.57
N GLU B 158 -10.54 -7.75 3.86
CA GLU B 158 -10.31 -7.22 5.19
C GLU B 158 -11.44 -6.26 5.58
N LEU B 159 -11.91 -5.43 4.64
CA LEU B 159 -13.05 -4.52 4.88
C LEU B 159 -14.35 -5.30 5.11
N ALA B 160 -14.57 -6.36 4.34
CA ALA B 160 -15.73 -7.23 4.52
C ALA B 160 -15.69 -7.88 5.91
N SER B 161 -14.49 -8.25 6.39
CA SER B 161 -14.26 -8.84 7.69
C SER B 161 -14.70 -7.88 8.78
N ILE B 162 -14.45 -6.56 8.62
CA ILE B 162 -14.88 -5.54 9.58
C ILE B 162 -16.40 -5.43 9.61
N ILE B 163 -17.08 -5.59 8.47
CA ILE B 163 -18.55 -5.53 8.37
C ILE B 163 -19.16 -6.66 9.18
N CYS B 164 -18.62 -7.87 9.02
CA CYS B 164 -19.09 -9.05 9.73
C CYS B 164 -18.82 -8.94 11.21
N MET B 165 -17.65 -8.41 11.57
CA MET B 165 -17.25 -8.24 12.95
C MET B 165 -18.09 -7.20 13.67
N GLU B 166 -18.39 -6.09 12.97
CA GLU B 166 -19.15 -4.93 13.44
C GLU B 166 -18.65 -4.48 14.80
N PRO B 167 -17.38 -4.07 14.88
CA PRO B 167 -16.81 -3.72 16.21
C PRO B 167 -17.21 -2.35 16.73
N ASP B 168 -16.95 -2.09 18.02
CA ASP B 168 -17.24 -0.78 18.60
C ASP B 168 -16.26 0.24 18.05
N LEU B 169 -14.98 -0.15 17.92
CA LEU B 169 -13.91 0.68 17.37
C LEU B 169 -13.08 -0.11 16.38
N ALA B 170 -13.10 0.31 15.12
CA ALA B 170 -12.27 -0.31 14.09
C ALA B 170 -11.16 0.68 13.72
N ILE B 171 -9.92 0.32 14.03
CA ILE B 171 -8.77 1.14 13.66
C ILE B 171 -8.29 0.61 12.30
N LEU B 172 -8.39 1.43 11.27
CA LEU B 172 -8.00 1.01 9.91
C LEU B 172 -6.73 1.72 9.45
N ASP B 173 -5.63 0.99 9.28
CA ASP B 173 -4.36 1.58 8.84
C ASP B 173 -4.28 1.48 7.31
N GLU B 174 -4.57 2.59 6.63
CA GLU B 174 -4.63 2.70 5.18
C GLU B 174 -5.57 1.69 4.57
N PRO B 175 -6.89 1.81 4.84
CA PRO B 175 -7.84 0.86 4.24
C PRO B 175 -7.93 0.96 2.70
N ASP B 176 -7.48 2.11 2.15
CA ASP B 176 -7.48 2.45 0.73
C ASP B 176 -6.30 1.88 -0.05
N SER B 177 -5.19 1.58 0.64
CA SER B 177 -3.97 1.10 0.04
C SER B 177 -4.17 -0.12 -0.86
N GLY B 178 -3.78 0.01 -2.12
CA GLY B 178 -3.94 -1.08 -3.07
C GLY B 178 -5.29 -1.12 -3.76
N ILE B 179 -6.23 -0.29 -3.32
CA ILE B 179 -7.55 -0.24 -3.92
C ILE B 179 -7.58 0.86 -4.99
N ASP B 180 -8.15 0.53 -6.16
CA ASP B 180 -8.24 1.49 -7.24
C ASP B 180 -9.14 2.66 -6.90
N ILE B 181 -8.91 3.83 -7.55
CA ILE B 181 -9.88 4.93 -7.48
C ILE B 181 -11.10 4.37 -8.29
N VAL B 182 -12.28 4.99 -8.33
CA VAL B 182 -13.47 4.35 -8.95
C VAL B 182 -14.08 3.43 -7.88
N SER B 183 -13.24 2.66 -7.15
CA SER B 183 -13.73 1.88 -6.02
C SER B 183 -13.76 2.68 -4.71
N PHE B 184 -13.46 3.98 -4.74
CA PHE B 184 -13.41 4.77 -3.52
C PHE B 184 -14.79 5.10 -2.96
N ASP B 185 -15.85 5.09 -3.79
CA ASP B 185 -17.21 5.29 -3.28
C ASP B 185 -17.67 4.07 -2.49
N GLU B 186 -17.27 2.87 -2.93
CA GLU B 186 -17.58 1.66 -2.20
C GLU B 186 -16.95 1.66 -0.82
N ILE B 187 -15.72 2.22 -0.69
CA ILE B 187 -15.04 2.34 0.61
C ILE B 187 -15.82 3.30 1.50
N LYS B 188 -16.29 4.42 0.95
CA LYS B 188 -17.09 5.41 1.70
C LYS B 188 -18.43 4.80 2.14
N ARG B 189 -19.03 3.99 1.29
CA ARG B 189 -20.28 3.31 1.62
C ARG B 189 -20.09 2.26 2.70
N VAL B 190 -18.90 1.66 2.79
CA VAL B 190 -18.56 0.72 3.85
C VAL B 190 -18.49 1.50 5.17
N PHE B 191 -17.86 2.68 5.16
CA PHE B 191 -17.72 3.53 6.32
C PHE B 191 -19.10 3.99 6.81
N ASP B 192 -19.99 4.33 5.86
CA ASP B 192 -21.37 4.77 6.13
C ASP B 192 -22.16 3.64 6.77
N TYR B 193 -22.02 2.42 6.22
CA TYR B 193 -22.69 1.24 6.71
C TYR B 193 -22.22 0.95 8.14
N LEU B 194 -20.91 1.05 8.39
CA LEU B 194 -20.36 0.81 9.71
C LEU B 194 -20.85 1.86 10.71
N LYS B 195 -20.90 3.13 10.29
CA LYS B 195 -21.41 4.22 11.12
C LYS B 195 -22.89 3.99 11.44
N ASP B 196 -23.67 3.51 10.46
CA ASP B 196 -25.09 3.19 10.60
C ASP B 196 -25.36 2.14 11.67
N LYS B 197 -24.42 1.22 11.87
CA LYS B 197 -24.52 0.15 12.85
C LYS B 197 -24.05 0.55 14.27
N GLY B 198 -23.46 1.73 14.41
CA GLY B 198 -22.95 2.19 15.69
C GLY B 198 -21.44 2.07 15.86
N CYS B 199 -20.71 1.77 14.77
CA CYS B 199 -19.26 1.63 14.86
C CYS B 199 -18.55 2.97 14.84
N SER B 200 -17.34 3.02 15.38
CA SER B 200 -16.50 4.20 15.31
C SER B 200 -15.24 3.76 14.59
N LEU B 201 -14.85 4.50 13.54
CA LEU B 201 -13.65 4.18 12.78
C LEU B 201 -12.57 5.19 13.07
N LEU B 202 -11.34 4.71 13.27
CA LEU B 202 -10.16 5.55 13.42
C LEU B 202 -9.34 5.17 12.21
N VAL B 203 -9.47 5.95 11.15
CA VAL B 203 -8.87 5.66 9.86
C VAL B 203 -7.59 6.44 9.58
N ILE B 204 -6.48 5.74 9.36
CA ILE B 204 -5.23 6.40 8.97
C ILE B 204 -5.25 6.36 7.45
N THR B 205 -5.09 7.53 6.78
CA THR B 205 -5.15 7.54 5.31
C THR B 205 -4.28 8.61 4.67
N HIS B 206 -3.86 8.33 3.43
CA HIS B 206 -3.12 9.25 2.54
C HIS B 206 -4.01 9.76 1.38
N ARG B 207 -5.27 9.29 1.29
CA ARG B 207 -6.23 9.72 0.29
C ARG B 207 -7.10 10.82 0.85
N GLU B 208 -7.03 12.03 0.28
CA GLU B 208 -7.90 13.13 0.69
C GLU B 208 -9.36 12.77 0.45
N GLU B 209 -9.64 11.97 -0.60
CA GLU B 209 -10.94 11.44 -0.98
C GLU B 209 -11.61 10.77 0.23
N LEU B 210 -10.84 9.98 0.99
CA LEU B 210 -11.33 9.29 2.18
C LEU B 210 -11.26 10.14 3.44
N ALA B 211 -10.17 10.88 3.63
CA ALA B 211 -10.01 11.72 4.81
C ALA B 211 -11.10 12.81 4.88
N GLU B 212 -11.54 13.34 3.73
CA GLU B 212 -12.61 14.34 3.71
C GLU B 212 -14.00 13.73 3.99
N HIS B 213 -14.12 12.39 3.99
CA HIS B 213 -15.36 11.68 4.32
C HIS B 213 -15.57 11.53 5.85
N ALA B 214 -14.51 11.68 6.64
CA ALA B 214 -14.55 11.60 8.09
C ALA B 214 -15.27 12.81 8.69
N ASP B 215 -15.79 12.66 9.91
CA ASP B 215 -16.45 13.78 10.61
C ASP B 215 -15.41 14.75 11.22
N ARG B 216 -14.17 14.28 11.41
CA ARG B 216 -13.09 15.01 12.04
C ARG B 216 -11.76 14.42 11.58
N VAL B 217 -10.79 15.27 11.24
CA VAL B 217 -9.46 14.80 10.84
C VAL B 217 -8.42 15.32 11.83
N SER B 218 -7.40 14.53 12.14
CA SER B 218 -6.32 14.97 13.01
C SER B 218 -4.97 14.85 12.28
N LEU B 219 -4.19 15.93 12.26
CA LEU B 219 -2.89 15.93 11.62
C LEU B 219 -1.84 15.60 12.65
N ILE B 220 -1.02 14.59 12.40
CA ILE B 220 0.05 14.21 13.32
C ILE B 220 1.40 14.45 12.65
N CYS B 221 2.30 15.17 13.34
CA CYS B 221 3.66 15.50 12.91
C CYS B 221 4.59 15.24 14.09
N ALA B 222 5.64 14.43 13.86
CA ALA B 222 6.64 14.08 14.88
C ALA B 222 6.04 13.69 16.25
N GLY B 223 5.08 12.79 16.23
CA GLY B 223 4.40 12.30 17.42
C GLY B 223 3.56 13.32 18.14
N GLU B 224 3.00 14.29 17.41
CA GLU B 224 2.18 15.33 18.03
C GLU B 224 1.02 15.70 17.13
N VAL B 225 -0.16 15.92 17.70
CA VAL B 225 -1.31 16.34 16.92
C VAL B 225 -1.15 17.86 16.68
N ILE B 226 -0.81 18.24 15.46
CA ILE B 226 -0.61 19.64 15.09
C ILE B 226 -1.96 20.37 14.97
N LYS B 227 -2.91 19.83 14.20
CA LYS B 227 -4.24 20.42 14.05
C LYS B 227 -5.34 19.35 14.09
N SER B 228 -6.58 19.74 14.34
CA SER B 228 -7.70 18.81 14.38
C SER B 228 -9.01 19.54 14.12
N GLY B 229 -9.97 18.86 13.50
CA GLY B 229 -11.27 19.46 13.23
C GLY B 229 -11.83 19.18 11.86
N ASP B 230 -12.14 20.24 11.10
CA ASP B 230 -12.72 20.12 9.77
C ASP B 230 -11.80 19.39 8.80
N PRO B 231 -12.31 18.36 8.12
CA PRO B 231 -11.46 17.60 7.20
C PRO B 231 -10.78 18.42 6.10
N LYS B 232 -11.49 19.39 5.49
CA LYS B 232 -10.90 20.20 4.42
C LYS B 232 -9.89 21.23 4.91
N GLU B 233 -10.18 21.89 6.04
CA GLU B 233 -9.27 22.87 6.64
C GLU B 233 -7.97 22.22 7.11
N VAL B 234 -8.06 21.08 7.84
CA VAL B 234 -6.90 20.33 8.32
C VAL B 234 -6.09 19.74 7.17
N GLY B 235 -6.79 19.29 6.12
CA GLY B 235 -6.15 18.75 4.93
C GLY B 235 -5.36 19.80 4.18
N GLU B 236 -5.93 21.02 4.06
CA GLU B 236 -5.25 22.13 3.40
C GLU B 236 -4.03 22.61 4.18
N PHE B 237 -4.11 22.62 5.50
CA PHE B 237 -3.00 22.99 6.35
C PHE B 237 -1.83 21.99 6.17
N TYR B 238 -2.15 20.69 5.98
CA TYR B 238 -1.14 19.63 5.79
C TYR B 238 -0.40 19.86 4.48
N LYS B 239 -1.16 20.07 3.38
CA LYS B 239 -0.64 20.30 2.03
C LYS B 239 0.13 21.63 1.87
N LYS B 240 0.26 22.43 2.95
CA LYS B 240 0.93 23.72 2.85
C LYS B 240 2.04 23.90 3.89
N GLU B 241 1.81 23.52 5.17
CA GLU B 241 2.84 23.70 6.20
C GLU B 241 3.69 22.41 6.49
N CYS B 242 3.24 21.51 7.39
CA CYS B 242 3.96 20.29 7.78
C CYS B 242 3.88 19.21 6.70
#